data_3F7J
#
_entry.id   3F7J
#
_cell.length_a   79.656
_cell.length_b   123.075
_cell.length_c   57.239
_cell.angle_alpha   90.000
_cell.angle_beta   90.000
_cell.angle_gamma   90.000
#
_symmetry.space_group_name_H-M   'P 21 21 2'
#
loop_
_entity.id
_entity.type
_entity.pdbx_description
1 polymer 'YvgN protein'
2 non-polymer 'NITRATE ION'
3 non-polymer 'POTASSIUM ION'
4 water water
#
_entity_poly.entity_id   1
_entity_poly.type   'polypeptide(L)'
_entity_poly.pdbx_seq_one_letter_code
;MPTSLKDTVKLHNGVEMPWFGLGVFKVENGNEATESVKAAIKNGYRSIDTAAIYKNEEGVGIGIKESGVAREELFITSKV
WNEDQGYETTLAAFEKSLERLQLDYLDLYLIHWPGKDKYKDTWRALEKLYKDGKIRAIGVSNFQVHHLEELLKDAEIKPM
VNQVEFHPRLTQKELRDYCKGQGIQLEAWSPLMQGQLLDNEVLTQIAEKHNKSVAQVILRWDLQHGVVTIPKSIKEHRII
ENADIFDFELSQEDMDKIDALNKDERVGPNPDELLF
;
_entity_poly.pdbx_strand_id   A,B
#
# COMPACT_ATOMS: atom_id res chain seq x y z
N MET A 1 14.12 -11.75 29.23
CA MET A 1 15.59 -12.11 29.22
C MET A 1 16.53 -10.92 28.97
N PRO A 2 16.29 -10.11 27.91
CA PRO A 2 16.93 -8.79 28.00
C PRO A 2 16.80 -8.20 29.43
N THR A 3 17.81 -7.44 29.83
CA THR A 3 17.84 -6.76 31.07
C THR A 3 17.67 -5.27 30.80
N SER A 4 17.78 -4.87 29.53
CA SER A 4 17.65 -3.47 29.12
C SER A 4 17.29 -3.30 27.64
N LEU A 5 17.03 -2.05 27.23
CA LEU A 5 16.72 -1.74 25.84
C LEU A 5 17.87 -1.97 24.85
N LYS A 6 19.09 -2.05 25.38
CA LYS A 6 20.32 -2.23 24.58
C LYS A 6 20.42 -3.68 24.14
N ASP A 7 19.77 -4.57 24.87
CA ASP A 7 19.93 -6.00 24.68
C ASP A 7 19.48 -6.51 23.31
N THR A 8 20.20 -7.53 22.83
CA THR A 8 20.11 -7.98 21.46
C THR A 8 19.96 -9.52 21.37
N VAL A 9 19.49 -9.98 20.21
CA VAL A 9 19.51 -11.39 19.84
C VAL A 9 20.42 -11.54 18.62
N LYS A 10 21.28 -12.57 18.63
CA LYS A 10 22.11 -12.88 17.48
C LYS A 10 21.30 -13.60 16.41
N LEU A 11 21.25 -13.01 15.21
CA LEU A 11 20.66 -13.67 14.05
C LEU A 11 21.61 -14.75 13.53
N HIS A 12 21.16 -15.58 12.59
CA HIS A 12 22.02 -16.73 12.20
C HIS A 12 23.34 -16.38 11.53
N ASN A 13 23.43 -15.16 11.00
CA ASN A 13 24.64 -14.71 10.36
C ASN A 13 25.53 -13.94 11.32
N GLY A 14 25.13 -13.91 12.59
CA GLY A 14 25.89 -13.26 13.66
C GLY A 14 25.46 -11.83 13.95
N VAL A 15 24.57 -11.24 13.13
CA VAL A 15 24.16 -9.84 13.34
C VAL A 15 23.33 -9.70 14.60
N GLU A 16 23.64 -8.70 15.44
CA GLU A 16 22.88 -8.44 16.70
C GLU A 16 21.64 -7.56 16.49
N MET A 17 20.45 -8.16 16.57
CA MET A 17 19.24 -7.32 16.45
C MET A 17 18.68 -6.96 17.84
N PRO A 18 18.38 -5.66 18.09
CA PRO A 18 17.77 -5.40 19.43
C PRO A 18 16.44 -6.16 19.63
N TRP A 19 16.20 -6.60 20.86
CA TRP A 19 15.02 -7.37 21.17
C TRP A 19 13.79 -6.49 21.12
N PHE A 20 13.98 -5.18 21.31
CA PHE A 20 12.84 -4.26 21.47
C PHE A 20 13.02 -3.06 20.55
N GLY A 21 12.00 -2.75 19.75
CA GLY A 21 12.06 -1.55 18.93
C GLY A 21 10.75 -0.80 18.77
N LEU A 22 10.77 0.23 17.92
CA LEU A 22 9.62 1.10 17.67
C LEU A 22 9.06 0.73 16.30
N GLY A 23 7.83 0.24 16.26
CA GLY A 23 7.12 0.01 14.99
C GLY A 23 6.47 1.34 14.54
N VAL A 24 6.64 1.75 13.29
CA VAL A 24 5.96 2.96 12.84
C VAL A 24 4.81 2.72 11.80
N PHE A 25 4.12 1.58 11.85
CA PHE A 25 2.92 1.40 11.01
C PHE A 25 1.81 2.41 11.38
N LYS A 26 1.00 2.80 10.38
CA LYS A 26 -0.08 3.74 10.53
C LYS A 26 0.40 5.02 11.18
N VAL A 27 1.71 5.27 11.10
CA VAL A 27 2.26 6.61 11.52
C VAL A 27 2.46 7.51 10.33
N GLU A 28 1.94 8.72 10.46
CA GLU A 28 2.02 9.73 9.41
C GLU A 28 3.43 10.27 9.15
N ASN A 29 3.81 10.33 7.87
CA ASN A 29 5.05 10.93 7.39
C ASN A 29 5.29 12.34 7.92
N GLY A 30 6.49 12.84 7.70
CA GLY A 30 6.86 14.12 8.25
C GLY A 30 6.92 13.98 9.76
N ASN A 31 6.43 15.02 10.42
CA ASN A 31 6.73 15.25 11.82
C ASN A 31 6.30 14.19 12.83
N GLU A 32 5.14 13.56 12.59
CA GLU A 32 4.64 12.53 13.49
C GLU A 32 5.61 11.34 13.58
N ALA A 33 6.05 10.88 12.41
CA ALA A 33 7.13 9.88 12.28
C ALA A 33 8.45 10.39 12.89
N THR A 34 8.88 11.59 12.52
CA THR A 34 10.15 12.10 13.01
C THR A 34 10.15 12.21 14.53
N GLU A 35 9.02 12.66 15.06
CA GLU A 35 8.92 12.96 16.46
C GLU A 35 8.82 11.71 17.33
N SER A 36 8.12 10.66 16.87
CA SER A 36 8.05 9.39 17.57
C SER A 36 9.41 8.64 17.57
N VAL A 37 10.08 8.68 16.41
CA VAL A 37 11.41 8.09 16.22
C VAL A 37 12.43 8.73 17.18
N LYS A 38 12.48 10.08 17.20
CA LYS A 38 13.38 10.87 18.02
C LYS A 38 13.21 10.65 19.54
N ALA A 39 11.96 10.71 20.00
CA ALA A 39 11.59 10.36 21.36
C ALA A 39 11.99 8.89 21.71
N ALA A 40 11.77 7.94 20.81
CA ALA A 40 12.17 6.53 21.10
C ALA A 40 13.69 6.43 21.33
N ILE A 41 14.44 6.96 20.38
CA ILE A 41 15.90 6.93 20.41
C ILE A 41 16.47 7.69 21.60
N LYS A 42 15.88 8.83 21.91
CA LYS A 42 16.27 9.62 23.05
C LYS A 42 16.12 8.85 24.36
N ASN A 43 15.08 8.02 24.41
CA ASN A 43 14.73 7.22 25.56
C ASN A 43 15.25 5.80 25.44
N GLY A 44 16.33 5.65 24.66
CA GLY A 44 17.07 4.40 24.63
C GLY A 44 16.75 3.35 23.59
N TYR A 45 15.68 3.52 22.80
CA TYR A 45 15.40 2.54 21.74
C TYR A 45 16.53 2.48 20.72
N ARG A 46 16.80 1.30 20.22
CA ARG A 46 17.90 1.18 19.28
C ARG A 46 17.54 0.54 17.94
N SER A 47 16.24 0.19 17.79
CA SER A 47 15.65 -0.49 16.64
C SER A 47 14.36 0.26 16.21
N ILE A 48 14.29 0.60 14.92
CA ILE A 48 13.09 1.25 14.37
C ILE A 48 12.67 0.41 13.20
N ASP A 49 11.37 0.21 13.05
CA ASP A 49 10.78 -0.63 12.00
C ASP A 49 9.82 0.22 11.20
N THR A 50 10.04 0.24 9.89
CA THR A 50 9.17 0.95 9.00
C THR A 50 8.99 0.09 7.73
N ALA A 51 8.44 0.67 6.66
CA ALA A 51 8.25 -0.04 5.40
C ALA A 51 7.93 1.00 4.34
N ALA A 52 8.40 0.74 3.11
CA ALA A 52 8.01 1.55 1.98
C ALA A 52 6.54 1.95 2.01
N ILE A 53 5.66 0.98 2.23
CA ILE A 53 4.20 1.22 2.21
C ILE A 53 3.68 2.12 3.34
N TYR A 54 4.45 2.25 4.43
CA TYR A 54 3.95 3.08 5.51
C TYR A 54 4.02 4.55 5.15
N LYS A 55 4.66 4.86 4.02
CA LYS A 55 4.77 6.24 3.51
C LYS A 55 5.51 7.18 4.45
N ASN A 56 6.14 6.63 5.49
CA ASN A 56 6.89 7.52 6.42
C ASN A 56 8.44 7.43 6.43
N GLU A 57 9.02 6.77 5.43
CA GLU A 57 10.45 6.54 5.47
C GLU A 57 11.18 7.86 5.56
N GLU A 58 10.60 8.86 4.93
CA GLU A 58 11.28 10.17 4.96
C GLU A 58 11.35 10.75 6.39
N GLY A 59 10.26 10.76 7.14
CA GLY A 59 10.28 11.28 8.51
C GLY A 59 11.06 10.36 9.42
N VAL A 60 10.98 9.05 9.20
CA VAL A 60 11.88 8.10 9.90
C VAL A 60 13.36 8.51 9.75
N GLY A 61 13.80 8.82 8.54
CA GLY A 61 15.20 9.23 8.27
C GLY A 61 15.61 10.50 8.97
N ILE A 62 14.71 11.48 8.99
CA ILE A 62 15.04 12.79 9.56
C ILE A 62 15.10 12.60 11.07
N GLY A 63 14.26 11.72 11.60
CA GLY A 63 14.30 11.47 13.05
C GLY A 63 15.58 10.75 13.47
N ILE A 64 16.03 9.79 12.65
CA ILE A 64 17.33 9.13 12.88
C ILE A 64 18.42 10.18 12.92
N LYS A 65 18.42 11.00 11.88
CA LYS A 65 19.43 12.02 11.75
C LYS A 65 19.41 12.94 12.92
N GLU A 66 18.22 13.41 13.31
CA GLU A 66 18.11 14.43 14.38
C GLU A 66 18.27 13.87 15.80
N SER A 67 18.30 12.56 15.93
CA SER A 67 18.35 11.94 17.25
C SER A 67 19.69 12.07 17.95
N GLY A 68 20.77 12.15 17.18
CA GLY A 68 22.08 12.26 17.78
C GLY A 68 22.51 11.05 18.59
N VAL A 69 22.19 9.90 18.03
CA VAL A 69 22.83 8.62 18.30
C VAL A 69 23.43 8.26 16.95
N ALA A 70 24.57 7.55 16.97
CA ALA A 70 25.30 7.14 15.75
C ALA A 70 24.54 6.11 14.98
N ARG A 71 24.52 6.28 13.65
CA ARG A 71 24.00 5.29 12.72
C ARG A 71 24.34 3.83 13.09
N GLU A 72 25.59 3.54 13.45
CA GLU A 72 25.97 2.14 13.61
C GLU A 72 25.42 1.47 14.89
N GLU A 73 24.92 2.26 15.84
CA GLU A 73 24.27 1.74 17.02
C GLU A 73 22.78 1.55 16.78
N LEU A 74 22.30 2.06 15.65
CA LEU A 74 20.86 2.02 15.35
C LEU A 74 20.57 0.87 14.42
N PHE A 75 19.44 0.16 14.60
CA PHE A 75 19.11 -0.94 13.76
C PHE A 75 17.84 -0.59 12.97
N ILE A 76 18.01 -0.32 11.68
CA ILE A 76 16.84 0.11 10.86
C ILE A 76 16.33 -0.93 9.93
N THR A 77 15.02 -1.16 9.97
CA THR A 77 14.43 -2.18 9.16
C THR A 77 13.45 -1.50 8.23
N SER A 78 13.47 -1.88 6.96
CA SER A 78 12.31 -1.56 6.13
C SER A 78 11.89 -2.75 5.31
N LYS A 79 10.96 -2.53 4.37
CA LYS A 79 10.36 -3.68 3.69
C LYS A 79 9.98 -3.39 2.24
N VAL A 80 10.12 -4.40 1.38
CA VAL A 80 9.67 -4.24 0.00
C VAL A 80 8.17 -4.43 -0.13
N TRP A 81 7.52 -3.39 -0.64
CA TRP A 81 6.06 -3.52 -0.86
C TRP A 81 5.62 -4.48 -1.97
N ASN A 82 4.43 -5.03 -1.76
CA ASN A 82 3.82 -6.02 -2.64
C ASN A 82 3.92 -5.71 -4.15
N GLU A 83 3.54 -4.49 -4.49
CA GLU A 83 3.46 -4.01 -5.86
C GLU A 83 4.84 -4.00 -6.49
N ASP A 84 5.89 -3.94 -5.67
CA ASP A 84 7.29 -3.90 -6.15
C ASP A 84 7.94 -5.28 -6.30
N GLN A 85 7.22 -6.36 -6.00
CA GLN A 85 7.82 -7.72 -6.11
C GLN A 85 8.27 -8.09 -7.54
N GLY A 86 9.22 -9.03 -7.62
CA GLY A 86 10.02 -9.20 -8.84
C GLY A 86 11.46 -8.79 -8.64
N TYR A 87 12.37 -9.34 -9.43
CA TYR A 87 13.76 -9.16 -9.18
C TYR A 87 14.24 -7.72 -9.42
N GLU A 88 14.16 -7.22 -10.65
CA GLU A 88 14.58 -5.83 -10.95
C GLU A 88 13.80 -4.79 -10.14
N THR A 89 12.50 -4.99 -9.97
CA THR A 89 11.71 -3.96 -9.29
C THR A 89 12.00 -3.90 -7.77
N THR A 90 12.43 -5.02 -7.19
CA THR A 90 12.85 -5.08 -5.76
C THR A 90 14.16 -4.33 -5.60
N LEU A 91 15.12 -4.58 -6.49
CA LEU A 91 16.38 -3.81 -6.43
C LEU A 91 16.08 -2.34 -6.48
N ALA A 92 15.20 -1.91 -7.41
CA ALA A 92 14.81 -0.51 -7.53
C ALA A 92 14.12 0.02 -6.26
N ALA A 93 13.18 -0.75 -5.72
CA ALA A 93 12.47 -0.33 -4.49
C ALA A 93 13.40 -0.15 -3.31
N PHE A 94 14.37 -1.06 -3.18
CA PHE A 94 15.39 -0.88 -2.12
C PHE A 94 16.15 0.44 -2.20
N GLU A 95 16.60 0.78 -3.41
CA GLU A 95 17.36 2.00 -3.58
C GLU A 95 16.52 3.20 -3.22
N LYS A 96 15.23 3.12 -3.54
CA LYS A 96 14.24 4.16 -3.19
C LYS A 96 14.12 4.31 -1.67
N SER A 97 14.00 3.19 -0.99
CA SER A 97 13.96 3.19 0.47
C SER A 97 15.18 3.87 1.08
N LEU A 98 16.37 3.55 0.53
CA LEU A 98 17.60 4.12 1.05
C LEU A 98 17.62 5.59 0.81
N GLU A 99 17.10 6.02 -0.35
CA GLU A 99 17.13 7.43 -0.73
C GLU A 99 16.22 8.19 0.22
N ARG A 100 15.04 7.64 0.44
CA ARG A 100 14.05 8.24 1.36
C ARG A 100 14.56 8.25 2.79
N LEU A 101 15.10 7.12 3.24
CA LEU A 101 15.64 7.04 4.61
C LEU A 101 16.91 7.90 4.86
N GLN A 102 17.54 8.35 3.77
CA GLN A 102 18.86 9.03 3.77
C GLN A 102 19.93 8.16 4.44
N LEU A 103 19.98 6.90 4.02
CA LEU A 103 20.84 5.83 4.63
C LEU A 103 21.67 5.18 3.54
N ASP A 104 22.87 4.74 3.91
CA ASP A 104 23.79 4.07 2.96
C ASP A 104 23.52 2.58 2.87
N TYR A 105 22.96 2.02 3.94
CA TYR A 105 22.64 0.58 4.06
C TYR A 105 21.48 0.46 5.00
N LEU A 106 20.80 -0.67 4.98
CA LEU A 106 19.81 -0.98 6.00
C LEU A 106 20.32 -2.12 6.87
N ASP A 107 19.79 -2.21 8.08
CA ASP A 107 20.21 -3.27 8.95
C ASP A 107 19.42 -4.53 8.59
N LEU A 108 18.19 -4.33 8.15
CA LEU A 108 17.31 -5.49 7.85
C LEU A 108 16.31 -5.05 6.77
N TYR A 109 16.07 -5.92 5.79
CA TYR A 109 15.13 -5.57 4.73
C TYR A 109 14.30 -6.84 4.63
N LEU A 110 12.98 -6.70 4.57
CA LEU A 110 12.04 -7.81 4.63
C LEU A 110 11.12 -7.80 3.39
N ILE A 111 10.77 -8.96 2.83
CA ILE A 111 9.65 -9.07 1.92
C ILE A 111 8.37 -8.84 2.73
N HIS A 112 7.54 -7.88 2.34
CA HIS A 112 6.41 -7.44 3.22
C HIS A 112 5.40 -8.58 3.40
N TRP A 113 4.96 -9.20 2.31
CA TRP A 113 3.93 -10.32 2.26
C TRP A 113 4.39 -11.27 1.26
N PRO A 114 3.97 -12.51 1.43
CA PRO A 114 4.37 -13.48 0.45
C PRO A 114 3.60 -13.40 -0.90
N GLY A 115 2.30 -13.09 -0.85
CA GLY A 115 1.42 -13.19 -2.06
C GLY A 115 1.44 -14.54 -2.70
N LYS A 116 1.38 -14.58 -4.04
CA LYS A 116 1.18 -15.81 -4.77
C LYS A 116 2.48 -16.38 -5.27
N ASP A 117 3.23 -15.59 -6.05
CA ASP A 117 4.24 -16.25 -6.90
C ASP A 117 5.38 -15.38 -7.39
N LYS A 118 5.69 -14.30 -6.66
CA LYS A 118 6.83 -13.45 -6.99
C LYS A 118 7.83 -13.36 -5.86
N TYR A 119 7.59 -14.08 -4.77
CA TYR A 119 8.45 -13.89 -3.60
C TYR A 119 9.80 -14.60 -3.73
N LYS A 120 9.87 -15.67 -4.49
CA LYS A 120 11.16 -16.32 -4.70
C LYS A 120 12.10 -15.45 -5.51
N ASP A 121 11.54 -14.75 -6.50
CA ASP A 121 12.29 -13.81 -7.30
C ASP A 121 12.72 -12.64 -6.48
N THR A 122 11.80 -12.18 -5.63
CA THR A 122 12.04 -11.06 -4.75
C THR A 122 13.15 -11.47 -3.77
N TRP A 123 13.11 -12.72 -3.32
CA TRP A 123 14.16 -13.19 -2.42
C TRP A 123 15.54 -13.19 -3.08
N ARG A 124 15.66 -13.59 -4.36
CA ARG A 124 16.90 -13.54 -5.08
C ARG A 124 17.49 -12.14 -5.08
N ALA A 125 16.61 -11.12 -5.18
CA ALA A 125 17.05 -9.72 -5.15
C ALA A 125 17.62 -9.32 -3.78
N LEU A 126 16.95 -9.69 -2.68
CA LEU A 126 17.49 -9.44 -1.35
C LEU A 126 18.79 -10.18 -1.14
N GLU A 127 18.89 -11.41 -1.67
CA GLU A 127 20.16 -12.15 -1.62
C GLU A 127 21.30 -11.36 -2.28
N LYS A 128 21.03 -10.76 -3.44
CA LYS A 128 22.03 -9.99 -4.18
C LYS A 128 22.45 -8.75 -3.40
N LEU A 129 21.47 -8.03 -2.87
CA LEU A 129 21.70 -6.81 -2.10
C LEU A 129 22.51 -7.11 -0.86
N TYR A 130 22.24 -8.26 -0.24
CA TYR A 130 22.96 -8.73 0.94
C TYR A 130 24.42 -8.99 0.53
N LYS A 131 24.60 -9.70 -0.57
CA LYS A 131 25.95 -9.96 -1.13
C LYS A 131 26.75 -8.69 -1.43
N ASP A 132 26.07 -7.68 -2.01
CA ASP A 132 26.68 -6.37 -2.30
C ASP A 132 27.04 -5.56 -1.05
N GLY A 133 26.67 -6.06 0.12
CA GLY A 133 26.93 -5.40 1.40
C GLY A 133 25.99 -4.25 1.70
N LYS A 134 24.83 -4.21 1.04
CA LYS A 134 23.92 -3.07 1.20
C LYS A 134 22.95 -3.28 2.35
N ILE A 135 22.82 -4.54 2.78
CA ILE A 135 21.90 -4.89 3.86
C ILE A 135 22.56 -5.91 4.81
N ARG A 136 22.54 -5.62 6.11
CA ARG A 136 23.25 -6.46 7.10
C ARG A 136 22.54 -7.78 7.34
N ALA A 137 21.25 -7.80 7.09
CA ALA A 137 20.46 -9.00 7.35
C ALA A 137 19.21 -9.02 6.49
N ILE A 138 18.73 -10.19 6.14
CA ILE A 138 17.59 -10.22 5.23
C ILE A 138 16.56 -11.20 5.71
N GLY A 139 15.30 -10.91 5.43
CA GLY A 139 14.26 -11.84 5.83
C GLY A 139 12.91 -11.51 5.27
N VAL A 140 11.89 -11.92 6.00
CA VAL A 140 10.55 -11.97 5.45
C VAL A 140 9.52 -11.45 6.46
N SER A 141 8.33 -11.09 5.97
CA SER A 141 7.22 -10.68 6.84
C SER A 141 5.96 -11.49 6.41
N ASN A 142 5.19 -11.96 7.39
CA ASN A 142 3.88 -12.60 7.20
C ASN A 142 4.03 -13.88 6.40
N PHE A 143 5.16 -14.58 6.57
CA PHE A 143 5.26 -15.92 5.92
C PHE A 143 4.77 -16.99 6.81
N GLN A 144 4.04 -17.91 6.19
CA GLN A 144 3.59 -19.06 6.91
C GLN A 144 4.66 -20.13 6.73
N VAL A 145 4.47 -21.26 7.44
CA VAL A 145 5.35 -22.44 7.36
C VAL A 145 5.48 -22.92 5.91
N HIS A 146 4.36 -23.04 5.20
CA HIS A 146 4.43 -23.43 3.77
C HIS A 146 5.21 -22.47 2.85
N HIS A 147 5.07 -21.16 3.07
CA HIS A 147 5.87 -20.15 2.31
C HIS A 147 7.38 -20.32 2.55
N LEU A 148 7.72 -20.59 3.81
CA LEU A 148 9.12 -20.71 4.21
C LEU A 148 9.70 -21.94 3.55
N GLU A 149 8.97 -23.07 3.63
CA GLU A 149 9.38 -24.32 3.05
C GLU A 149 9.59 -24.20 1.54
N GLU A 150 8.67 -23.52 0.88
CA GLU A 150 8.79 -23.25 -0.55
C GLU A 150 10.05 -22.42 -0.86
N LEU A 151 10.22 -21.33 -0.15
CA LEU A 151 11.39 -20.47 -0.27
C LEU A 151 12.69 -21.24 -0.04
N LEU A 152 12.76 -22.02 1.04
CA LEU A 152 13.94 -22.83 1.36
C LEU A 152 14.41 -23.84 0.31
N LYS A 153 13.48 -24.31 -0.53
CA LYS A 153 13.83 -25.19 -1.65
C LYS A 153 15.00 -24.65 -2.47
N ASP A 154 14.95 -23.38 -2.85
CA ASP A 154 15.96 -22.80 -3.74
C ASP A 154 16.77 -21.65 -3.16
N ALA A 155 16.50 -21.25 -1.93
CA ALA A 155 17.20 -20.11 -1.34
C ALA A 155 18.69 -20.43 -1.20
N GLU A 156 19.56 -19.46 -1.41
CA GLU A 156 20.97 -19.59 -1.07
C GLU A 156 21.17 -19.21 0.38
N ILE A 157 20.43 -18.21 0.83
CA ILE A 157 20.49 -17.71 2.23
C ILE A 157 19.12 -17.87 2.87
N LYS A 158 19.07 -18.48 4.06
CA LYS A 158 17.82 -18.69 4.80
C LYS A 158 17.43 -17.34 5.37
N PRO A 159 16.11 -17.00 5.35
CA PRO A 159 15.65 -15.76 6.01
C PRO A 159 16.16 -15.68 7.45
N MET A 160 16.55 -14.50 7.90
CA MET A 160 17.09 -14.35 9.23
C MET A 160 16.04 -13.95 10.25
N VAL A 161 14.94 -13.41 9.74
CA VAL A 161 13.82 -12.96 10.54
C VAL A 161 12.53 -13.25 9.81
N ASN A 162 11.49 -13.62 10.55
CA ASN A 162 10.13 -13.61 10.04
C ASN A 162 9.26 -12.75 10.97
N GLN A 163 8.83 -11.59 10.46
CA GLN A 163 8.06 -10.63 11.25
C GLN A 163 6.61 -10.89 10.97
N VAL A 164 5.89 -11.37 11.98
CA VAL A 164 4.50 -11.68 11.81
C VAL A 164 3.61 -10.99 12.88
N GLU A 165 2.32 -10.85 12.59
CA GLU A 165 1.36 -10.46 13.64
C GLU A 165 1.44 -11.47 14.77
N PHE A 166 1.62 -10.97 15.98
CA PHE A 166 1.81 -11.88 17.12
C PHE A 166 1.38 -11.23 18.42
N HIS A 167 0.39 -11.82 19.08
CA HIS A 167 -0.11 -11.30 20.37
C HIS A 167 -0.94 -12.34 21.06
N PRO A 168 -1.44 -12.05 22.28
CA PRO A 168 -2.19 -13.12 22.93
C PRO A 168 -3.43 -13.67 22.21
N ARG A 169 -4.04 -12.90 21.30
CA ARG A 169 -5.16 -13.42 20.48
C ARG A 169 -4.72 -14.23 19.21
N LEU A 170 -3.43 -14.18 18.89
CA LEU A 170 -2.84 -14.84 17.71
C LEU A 170 -1.44 -15.31 18.12
N THR A 171 -1.38 -16.44 18.81
CA THR A 171 -0.15 -16.88 19.47
C THR A 171 0.85 -17.65 18.59
N GLN A 172 0.46 -18.01 17.34
CA GLN A 172 1.40 -18.50 16.31
C GLN A 172 2.29 -19.64 16.82
N LYS A 173 1.68 -20.58 17.54
CA LYS A 173 2.41 -21.69 18.14
C LYS A 173 3.14 -22.56 17.10
N GLU A 174 2.45 -23.08 16.07
CA GLU A 174 3.17 -23.86 15.08
C GLU A 174 4.25 -23.03 14.33
N LEU A 175 3.98 -21.76 14.07
CA LEU A 175 4.96 -21.00 13.35
C LEU A 175 6.19 -20.72 14.23
N ARG A 176 5.98 -20.42 15.51
CA ARG A 176 7.11 -20.18 16.44
C ARG A 176 8.03 -21.36 16.54
N ASP A 177 7.43 -22.53 16.74
CA ASP A 177 8.16 -23.80 16.82
C ASP A 177 8.92 -24.06 15.51
N TYR A 178 8.28 -23.80 14.37
CA TYR A 178 8.93 -24.00 13.09
C TYR A 178 10.15 -23.08 12.88
N CYS A 179 9.94 -21.79 13.05
CA CYS A 179 11.05 -20.87 12.88
C CYS A 179 12.20 -21.14 13.85
N LYS A 180 11.88 -21.40 15.10
CA LYS A 180 12.91 -21.80 16.07
C LYS A 180 13.79 -22.94 15.54
N GLY A 181 13.19 -24.08 15.18
CA GLY A 181 13.95 -25.16 14.55
C GLY A 181 14.74 -24.88 13.28
N GLN A 182 14.33 -23.86 12.52
CA GLN A 182 15.04 -23.41 11.32
C GLN A 182 16.08 -22.30 11.57
N GLY A 183 16.15 -21.80 12.81
CA GLY A 183 17.06 -20.67 13.09
C GLY A 183 16.62 -19.36 12.46
N ILE A 184 15.30 -19.21 12.33
CA ILE A 184 14.68 -17.99 11.82
C ILE A 184 14.01 -17.28 13.01
N GLN A 185 14.44 -16.04 13.27
CA GLN A 185 14.02 -15.28 14.44
C GLN A 185 12.64 -14.69 14.19
N LEU A 186 11.70 -15.04 15.08
CA LEU A 186 10.35 -14.45 14.95
C LEU A 186 10.35 -13.09 15.53
N GLU A 187 9.55 -12.22 14.89
CA GLU A 187 9.41 -10.85 15.35
C GLU A 187 7.90 -10.49 15.28
N ALA A 188 7.41 -9.75 16.28
CA ALA A 188 5.97 -9.47 16.48
C ALA A 188 5.62 -8.07 15.93
N TRP A 189 4.92 -8.08 14.81
CA TRP A 189 4.24 -6.91 14.30
C TRP A 189 2.93 -6.68 15.08
N SER A 190 2.62 -5.42 15.32
CA SER A 190 1.41 -5.04 16.06
CA SER A 190 1.41 -5.03 16.10
C SER A 190 1.28 -5.85 17.37
N PRO A 191 2.35 -5.86 18.20
CA PRO A 191 2.32 -6.76 19.35
C PRO A 191 1.26 -6.37 20.38
N LEU A 192 0.80 -5.12 20.37
CA LEU A 192 -0.28 -4.65 21.33
C LEU A 192 -1.70 -4.90 20.77
N MET A 193 -1.78 -5.63 19.65
CA MET A 193 -3.07 -5.86 18.95
C MET A 193 -3.79 -4.54 18.67
N GLN A 194 -2.99 -3.50 18.39
CA GLN A 194 -3.52 -2.14 18.20
C GLN A 194 -4.54 -1.74 19.27
N GLY A 195 -4.19 -2.02 20.52
CA GLY A 195 -4.95 -1.52 21.65
C GLY A 195 -6.18 -2.35 21.98
N GLN A 196 -6.41 -3.43 21.23
CA GLN A 196 -7.63 -4.23 21.40
C GLN A 196 -7.73 -5.15 22.61
N LEU A 197 -6.63 -5.25 23.35
CA LEU A 197 -6.63 -6.05 24.55
C LEU A 197 -6.58 -5.20 25.83
N LEU A 198 -6.65 -3.87 25.66
CA LEU A 198 -6.48 -2.89 26.77
C LEU A 198 -7.26 -3.24 28.03
N ASP A 199 -8.49 -3.70 27.83
CA ASP A 199 -9.42 -4.01 28.92
C ASP A 199 -9.63 -5.52 29.16
N ASN A 200 -8.80 -6.36 28.54
CA ASN A 200 -8.91 -7.81 28.73
C ASN A 200 -8.70 -8.19 30.19
N GLU A 201 -9.66 -8.91 30.76
CA GLU A 201 -9.70 -9.19 32.20
C GLU A 201 -8.55 -10.07 32.68
N VAL A 202 -8.18 -11.06 31.88
CA VAL A 202 -7.02 -11.90 32.20
C VAL A 202 -5.73 -11.07 32.31
N LEU A 203 -5.45 -10.28 31.29
CA LEU A 203 -4.26 -9.43 31.29
C LEU A 203 -4.29 -8.32 32.34
N THR A 204 -5.46 -7.78 32.61
CA THR A 204 -5.54 -6.72 33.61
C THR A 204 -5.19 -7.22 35.02
N GLN A 205 -5.59 -8.46 35.34
CA GLN A 205 -5.27 -9.08 36.64
C GLN A 205 -3.76 -9.31 36.80
N ILE A 206 -3.13 -9.75 35.70
CA ILE A 206 -1.69 -9.97 35.68
C ILE A 206 -0.99 -8.61 35.86
N ALA A 207 -1.42 -7.60 35.09
CA ALA A 207 -0.99 -6.21 35.26
C ALA A 207 -1.12 -5.70 36.71
N GLU A 208 -2.31 -5.83 37.28
CA GLU A 208 -2.54 -5.41 38.69
C GLU A 208 -1.51 -6.04 39.63
N LYS A 209 -1.37 -7.36 39.56
CA LYS A 209 -0.42 -8.06 40.41
C LYS A 209 0.99 -7.45 40.30
N HIS A 210 1.45 -7.24 39.07
CA HIS A 210 2.82 -6.78 38.84
C HIS A 210 2.97 -5.26 38.94
N ASN A 211 1.87 -4.56 39.24
CA ASN A 211 1.81 -3.10 39.21
C ASN A 211 2.30 -2.54 37.86
N LYS A 212 1.86 -3.17 36.77
CA LYS A 212 2.23 -2.73 35.43
C LYS A 212 0.94 -2.47 34.62
N SER A 213 1.10 -1.94 33.40
CA SER A 213 -0.01 -1.75 32.47
C SER A 213 -0.19 -3.03 31.62
N VAL A 214 -1.38 -3.14 31.04
CA VAL A 214 -1.62 -4.29 30.18
C VAL A 214 -0.58 -4.39 29.01
N ALA A 215 -0.21 -3.24 28.41
CA ALA A 215 0.80 -3.18 27.32
C ALA A 215 2.16 -3.66 27.82
N GLN A 216 2.51 -3.25 29.05
CA GLN A 216 3.77 -3.72 29.67
C GLN A 216 3.81 -5.22 29.83
N VAL A 217 2.69 -5.80 30.31
CA VAL A 217 2.51 -7.26 30.41
C VAL A 217 2.67 -8.01 29.08
N ILE A 218 1.95 -7.55 28.05
CA ILE A 218 2.06 -8.15 26.71
C ILE A 218 3.47 -8.16 26.15
N LEU A 219 4.13 -7.02 26.23
CA LEU A 219 5.48 -6.89 25.74
C LEU A 219 6.48 -7.78 26.51
N ARG A 220 6.34 -7.81 27.84
CA ARG A 220 7.16 -8.72 28.64
C ARG A 220 6.94 -10.20 28.25
N TRP A 221 5.68 -10.53 27.96
CA TRP A 221 5.28 -11.82 27.43
C TRP A 221 5.96 -12.15 26.07
N ASP A 222 6.01 -11.14 25.20
CA ASP A 222 6.75 -11.30 23.93
C ASP A 222 8.21 -11.71 24.25
N LEU A 223 8.87 -10.93 25.10
CA LEU A 223 10.27 -11.17 25.46
C LEU A 223 10.52 -12.53 26.09
N GLN A 224 9.64 -12.92 27.03
CA GLN A 224 9.71 -14.25 27.66
C GLN A 224 9.44 -15.42 26.71
N HIS A 225 8.71 -15.19 25.64
CA HIS A 225 8.58 -16.16 24.55
C HIS A 225 9.73 -16.12 23.52
N GLY A 226 10.69 -15.23 23.70
CA GLY A 226 11.81 -15.15 22.74
C GLY A 226 11.44 -14.57 21.37
N VAL A 227 10.47 -13.67 21.36
CA VAL A 227 10.02 -12.96 20.13
C VAL A 227 10.44 -11.49 20.20
N VAL A 228 11.17 -11.05 19.19
CA VAL A 228 11.61 -9.62 19.09
C VAL A 228 10.31 -8.78 18.95
N THR A 229 10.24 -7.58 19.55
CA THR A 229 8.94 -6.90 19.55
C THR A 229 9.09 -5.42 19.19
N ILE A 230 8.14 -4.92 18.40
CA ILE A 230 8.19 -3.58 17.83
C ILE A 230 6.86 -2.85 18.06
N PRO A 231 6.56 -2.57 19.33
CA PRO A 231 5.28 -1.85 19.53
C PRO A 231 5.21 -0.46 18.90
N LYS A 232 4.01 -0.09 18.41
CA LYS A 232 3.78 1.27 17.92
C LYS A 232 3.31 2.24 19.02
N SER A 233 3.82 3.47 18.98
CA SER A 233 3.43 4.44 19.94
C SER A 233 3.90 5.78 19.44
N ILE A 234 3.02 6.77 19.57
CA ILE A 234 3.33 8.12 19.11
C ILE A 234 3.75 9.07 20.27
N LYS A 235 3.07 8.96 21.40
CA LYS A 235 3.30 9.85 22.52
C LYS A 235 4.52 9.45 23.32
N GLU A 236 5.36 10.42 23.68
CA GLU A 236 6.61 10.13 24.40
C GLU A 236 6.39 9.32 25.68
N HIS A 237 5.34 9.69 26.44
CA HIS A 237 4.92 8.98 27.67
C HIS A 237 4.56 7.48 27.41
N ARG A 238 3.91 7.19 26.28
CA ARG A 238 3.63 5.79 25.90
C ARG A 238 4.89 5.05 25.40
N ILE A 239 5.67 5.73 24.56
CA ILE A 239 7.00 5.25 24.16
C ILE A 239 7.86 4.82 25.36
N ILE A 240 7.93 5.67 26.37
CA ILE A 240 8.69 5.37 27.59
C ILE A 240 8.06 4.22 28.37
N GLU A 241 6.74 4.25 28.51
CA GLU A 241 6.02 3.27 29.33
C GLU A 241 6.15 1.85 28.78
N ASN A 242 5.96 1.71 27.46
CA ASN A 242 6.00 0.42 26.78
C ASN A 242 7.31 -0.34 27.01
N ALA A 243 8.39 0.43 27.18
CA ALA A 243 9.76 -0.09 27.28
C ALA A 243 10.14 -0.36 28.73
N ASP A 244 9.28 0.04 29.67
CA ASP A 244 9.63 -0.10 31.08
C ASP A 244 9.21 -1.48 31.55
N ILE A 245 9.88 -2.53 31.05
CA ILE A 245 9.46 -3.92 31.20
C ILE A 245 10.63 -4.82 31.73
N PHE A 246 11.72 -4.19 32.14
CA PHE A 246 12.93 -4.92 32.48
C PHE A 246 13.09 -5.06 33.99
N ASP A 247 12.04 -4.75 34.75
CA ASP A 247 12.14 -4.77 36.21
C ASP A 247 11.07 -5.66 36.84
N PHE A 248 10.48 -6.52 36.03
CA PHE A 248 9.55 -7.47 36.52
C PHE A 248 9.62 -8.68 35.63
N GLU A 249 9.09 -9.79 36.14
CA GLU A 249 9.01 -11.05 35.38
C GLU A 249 7.68 -11.77 35.60
N LEU A 250 7.14 -12.34 34.52
CA LEU A 250 5.91 -13.12 34.49
C LEU A 250 6.21 -14.54 34.82
N SER A 251 5.48 -15.07 35.81
CA SER A 251 5.58 -16.47 36.20
C SER A 251 5.16 -17.37 35.03
N GLN A 252 5.44 -18.67 35.16
CA GLN A 252 5.08 -19.62 34.12
C GLN A 252 3.57 -19.72 34.05
N GLU A 253 2.93 -19.65 35.21
CA GLU A 253 1.49 -19.67 35.30
C GLU A 253 0.87 -18.46 34.58
N ASP A 254 1.45 -17.26 34.78
CA ASP A 254 0.99 -16.05 34.05
C ASP A 254 1.15 -16.23 32.54
N MET A 255 2.32 -16.68 32.12
CA MET A 255 2.60 -16.94 30.71
C MET A 255 1.56 -17.85 30.07
N ASP A 256 1.23 -18.92 30.79
CA ASP A 256 0.28 -19.92 30.32
C ASP A 256 -1.14 -19.33 30.22
N LYS A 257 -1.51 -18.52 31.21
CA LYS A 257 -2.83 -17.89 31.22
C LYS A 257 -2.97 -16.93 30.02
N ILE A 258 -1.87 -16.23 29.67
CA ILE A 258 -1.89 -15.28 28.57
C ILE A 258 -2.03 -16.09 27.27
N ASP A 259 -1.29 -17.20 27.16
CA ASP A 259 -1.31 -18.02 25.93
C ASP A 259 -2.70 -18.57 25.68
N ALA A 260 -3.47 -18.72 26.75
CA ALA A 260 -4.84 -19.26 26.71
C ALA A 260 -5.85 -18.32 26.07
N LEU A 261 -5.45 -17.05 25.89
CA LEU A 261 -6.27 -16.04 25.20
C LEU A 261 -6.34 -16.27 23.68
N ASN A 262 -5.60 -17.27 23.18
CA ASN A 262 -5.50 -17.45 21.72
C ASN A 262 -6.85 -17.75 21.08
N LYS A 263 -7.13 -17.06 19.98
CA LYS A 263 -8.35 -17.26 19.20
C LYS A 263 -8.08 -17.20 17.68
N ASP A 264 -6.80 -17.31 17.29
CA ASP A 264 -6.39 -17.12 15.88
C ASP A 264 -7.12 -15.90 15.27
N GLU A 265 -6.96 -14.77 15.94
CA GLU A 265 -7.66 -13.53 15.60
C GLU A 265 -6.71 -12.43 15.15
N ARG A 266 -6.87 -11.98 13.90
CA ARG A 266 -5.97 -11.02 13.29
C ARG A 266 -6.52 -9.59 13.19
N VAL A 267 -5.70 -8.60 13.47
CA VAL A 267 -6.09 -7.24 13.10
C VAL A 267 -5.48 -6.86 11.73
N GLY A 268 -4.48 -7.60 11.27
CA GLY A 268 -3.95 -7.41 9.91
C GLY A 268 -4.44 -8.50 8.99
N PRO A 269 -4.17 -8.36 7.67
CA PRO A 269 -4.59 -9.40 6.72
C PRO A 269 -3.98 -10.77 7.02
N ASN A 270 -4.67 -11.81 6.57
CA ASN A 270 -4.12 -13.14 6.56
C ASN A 270 -3.23 -13.27 5.30
N PRO A 271 -1.95 -13.73 5.47
CA PRO A 271 -1.07 -13.77 4.32
C PRO A 271 -1.50 -14.82 3.29
N ASP A 272 -2.32 -15.76 3.72
CA ASP A 272 -2.84 -16.78 2.82
C ASP A 272 -4.04 -16.25 2.03
N GLU A 273 -4.56 -15.09 2.43
CA GLU A 273 -5.70 -14.46 1.77
C GLU A 273 -5.28 -13.21 0.93
N LEU A 274 -4.23 -12.52 1.34
CA LEU A 274 -3.84 -11.33 0.62
C LEU A 274 -2.97 -11.70 -0.62
N LEU A 275 -3.65 -12.11 -1.69
CA LEU A 275 -2.99 -12.65 -2.90
C LEU A 275 -2.90 -11.59 -3.98
N PHE A 276 -1.67 -11.20 -4.26
CA PHE A 276 -1.27 -10.40 -5.40
C PHE A 276 -0.21 -11.20 -6.15
N MET B 1 -18.30 10.32 -28.98
CA MET B 1 -16.85 10.32 -28.56
C MET B 1 -16.35 11.76 -28.50
N PRO B 2 -15.45 12.11 -27.54
CA PRO B 2 -14.85 13.47 -27.48
C PRO B 2 -14.17 13.91 -28.81
N THR B 3 -14.02 15.22 -28.97
CA THR B 3 -13.33 15.76 -30.11
C THR B 3 -12.10 16.42 -29.55
N SER B 4 -12.03 16.44 -28.21
CA SER B 4 -11.17 17.34 -27.49
C SER B 4 -10.81 16.73 -26.15
N LEU B 5 -9.64 17.11 -25.59
CA LEU B 5 -9.24 16.75 -24.21
C LEU B 5 -10.19 17.34 -23.16
N LYS B 6 -10.91 18.38 -23.56
CA LYS B 6 -11.83 19.11 -22.70
C LYS B 6 -13.07 18.30 -22.45
N ASP B 7 -13.39 17.41 -23.39
CA ASP B 7 -14.67 16.76 -23.38
C ASP B 7 -14.91 15.85 -22.20
N THR B 8 -16.18 15.74 -21.82
CA THR B 8 -16.57 15.11 -20.56
C THR B 8 -17.68 14.07 -20.79
N VAL B 9 -17.81 13.15 -19.85
CA VAL B 9 -18.97 12.27 -19.75
C VAL B 9 -19.79 12.68 -18.51
N LYS B 10 -21.12 12.71 -18.63
CA LYS B 10 -21.99 13.02 -17.49
C LYS B 10 -22.16 11.78 -16.62
N LEU B 11 -21.71 11.84 -15.36
CA LEU B 11 -22.00 10.78 -14.38
C LEU B 11 -23.47 10.83 -13.96
N HIS B 12 -23.97 9.79 -13.26
CA HIS B 12 -25.43 9.72 -13.01
C HIS B 12 -26.05 10.84 -12.14
N ASN B 13 -25.20 11.61 -11.47
CA ASN B 13 -25.68 12.72 -10.65
C ASN B 13 -25.44 14.07 -11.35
N GLY B 14 -25.07 14.00 -12.62
CA GLY B 14 -24.90 15.20 -13.43
C GLY B 14 -23.51 15.80 -13.45
N VAL B 15 -22.60 15.29 -12.61
CA VAL B 15 -21.21 15.75 -12.64
C VAL B 15 -20.53 15.34 -13.94
N GLU B 16 -19.87 16.32 -14.52
CA GLU B 16 -19.19 16.09 -15.78
C GLU B 16 -17.70 15.72 -15.56
N MET B 17 -17.35 14.49 -15.91
CA MET B 17 -15.99 14.00 -15.71
C MET B 17 -15.23 13.94 -17.04
N PRO B 18 -14.00 14.55 -17.13
CA PRO B 18 -13.26 14.42 -18.40
C PRO B 18 -13.08 12.97 -18.82
N TRP B 19 -13.26 12.69 -20.11
CA TRP B 19 -13.06 11.35 -20.70
C TRP B 19 -11.62 10.85 -20.60
N PHE B 20 -10.68 11.79 -20.56
CA PHE B 20 -9.24 11.49 -20.63
C PHE B 20 -8.52 12.23 -19.52
N GLY B 21 -7.69 11.51 -18.76
CA GLY B 21 -6.93 12.17 -17.71
C GLY B 21 -5.56 11.54 -17.56
N LEU B 22 -4.83 11.97 -16.55
CA LEU B 22 -3.51 11.50 -16.25
C LEU B 22 -3.52 10.59 -14.99
N GLY B 23 -3.04 9.37 -15.14
CA GLY B 23 -2.87 8.46 -14.01
C GLY B 23 -1.45 8.64 -13.42
N VAL B 24 -1.34 8.79 -12.09
CA VAL B 24 -0.04 8.95 -11.47
C VAL B 24 0.38 7.71 -10.62
N PHE B 25 -0.12 6.51 -10.90
CA PHE B 25 0.41 5.36 -10.14
C PHE B 25 1.91 5.11 -10.41
N LYS B 26 2.60 4.44 -9.48
CA LYS B 26 4.03 4.05 -9.58
C LYS B 26 4.90 5.22 -10.02
N VAL B 27 4.44 6.43 -9.70
CA VAL B 27 5.26 7.64 -9.98
C VAL B 27 5.98 7.99 -8.72
N GLU B 28 7.27 7.64 -8.66
CA GLU B 28 7.93 7.43 -7.39
C GLU B 28 8.40 8.65 -6.60
N ASN B 29 9.18 9.54 -7.21
CA ASN B 29 9.50 10.76 -6.45
C ASN B 29 8.46 11.91 -6.64
N GLY B 30 8.37 12.78 -5.63
CA GLY B 30 7.45 13.92 -5.65
C GLY B 30 7.66 14.97 -6.75
N ASN B 31 8.92 15.37 -6.97
CA ASN B 31 9.29 16.18 -8.14
C ASN B 31 8.77 15.61 -9.45
N GLU B 32 8.84 14.29 -9.62
CA GLU B 32 8.37 13.59 -10.81
C GLU B 32 6.86 13.81 -10.91
N ALA B 33 6.16 13.66 -9.77
CA ALA B 33 4.70 13.68 -9.71
C ALA B 33 4.22 15.09 -10.06
N THR B 34 4.88 16.06 -9.45
CA THR B 34 4.67 17.49 -9.73
C THR B 34 4.90 17.85 -11.20
N GLU B 35 6.03 17.43 -11.77
CA GLU B 35 6.34 17.74 -13.17
C GLU B 35 5.39 17.15 -14.18
N SER B 36 4.99 15.90 -13.97
N SER B 36 5.00 15.90 -13.94
CA SER B 36 4.00 15.23 -14.84
CA SER B 36 4.02 15.15 -14.71
C SER B 36 2.61 15.89 -14.76
C SER B 36 2.64 15.83 -14.73
N VAL B 37 2.21 16.30 -13.56
CA VAL B 37 0.91 16.89 -13.33
C VAL B 37 0.86 18.27 -13.99
N LYS B 38 1.91 19.07 -13.83
CA LYS B 38 1.92 20.36 -14.45
C LYS B 38 1.99 20.22 -15.96
N ALA B 39 2.89 19.39 -16.47
CA ALA B 39 2.95 19.19 -17.93
C ALA B 39 1.59 18.80 -18.53
N ALA B 40 0.90 17.82 -17.92
CA ALA B 40 -0.41 17.40 -18.37
C ALA B 40 -1.43 18.54 -18.37
N ILE B 41 -1.49 19.29 -17.27
CA ILE B 41 -2.41 20.44 -17.18
C ILE B 41 -2.06 21.55 -18.19
N LYS B 42 -0.79 21.96 -18.24
CA LYS B 42 -0.39 22.97 -19.22
C LYS B 42 -0.64 22.51 -20.70
N ASN B 43 -0.68 21.21 -20.93
CA ASN B 43 -1.05 20.64 -22.24
C ASN B 43 -2.51 20.22 -22.44
N GLY B 44 -3.40 20.78 -21.61
CA GLY B 44 -4.86 20.68 -21.79
C GLY B 44 -5.57 19.58 -21.00
N TYR B 45 -4.81 18.73 -20.29
CA TYR B 45 -5.43 17.75 -19.41
C TYR B 45 -6.18 18.45 -18.28
N ARG B 46 -7.36 17.93 -17.97
CA ARG B 46 -8.21 18.47 -16.90
C ARG B 46 -8.64 17.41 -15.88
N SER B 47 -8.08 16.20 -16.00
CA SER B 47 -8.35 15.15 -15.03
C SER B 47 -7.01 14.57 -14.51
N ILE B 48 -6.84 14.49 -13.18
CA ILE B 48 -5.64 13.86 -12.59
C ILE B 48 -6.16 12.73 -11.68
N ASP B 49 -5.58 11.51 -11.76
CA ASP B 49 -5.94 10.43 -10.90
C ASP B 49 -4.75 10.06 -10.03
N THR B 50 -5.01 10.11 -8.72
CA THR B 50 -4.05 9.66 -7.73
C THR B 50 -4.73 8.76 -6.69
N ALA B 51 -4.00 8.46 -5.62
CA ALA B 51 -4.48 7.67 -4.55
C ALA B 51 -3.57 7.84 -3.35
N ALA B 52 -4.16 7.77 -2.15
CA ALA B 52 -3.39 7.89 -0.93
C ALA B 52 -2.20 6.95 -0.97
N ILE B 53 -2.41 5.70 -1.38
CA ILE B 53 -1.38 4.67 -1.35
C ILE B 53 -0.26 4.90 -2.36
N TYR B 54 -0.50 5.72 -3.39
CA TYR B 54 0.53 5.97 -4.41
C TYR B 54 1.62 6.81 -3.81
N LYS B 55 1.33 7.35 -2.63
CA LYS B 55 2.27 8.19 -1.88
C LYS B 55 2.71 9.47 -2.57
N ASN B 56 1.92 9.99 -3.50
CA ASN B 56 2.39 11.20 -4.16
C ASN B 56 1.34 12.32 -4.14
N GLU B 57 0.34 12.22 -3.28
CA GLU B 57 -0.70 13.25 -3.26
C GLU B 57 -0.07 14.63 -3.04
N GLU B 58 1.01 14.69 -2.26
CA GLU B 58 1.74 15.95 -2.06
C GLU B 58 2.35 16.52 -3.34
N GLY B 59 3.05 15.70 -4.11
CA GLY B 59 3.61 16.15 -5.40
C GLY B 59 2.50 16.59 -6.34
N VAL B 60 1.41 15.83 -6.34
CA VAL B 60 0.23 16.14 -7.19
C VAL B 60 -0.36 17.52 -6.84
N GLY B 61 -0.57 17.77 -5.55
CA GLY B 61 -1.11 19.05 -5.06
C GLY B 61 -0.27 20.22 -5.50
N ILE B 62 1.04 20.04 -5.45
CA ILE B 62 1.95 21.15 -5.78
C ILE B 62 1.89 21.40 -7.30
N GLY B 63 1.78 20.34 -8.08
CA GLY B 63 1.65 20.47 -9.56
C GLY B 63 0.36 21.20 -9.92
N ILE B 64 -0.71 20.92 -9.17
CA ILE B 64 -2.02 21.58 -9.40
C ILE B 64 -1.87 23.06 -9.21
N LYS B 65 -1.19 23.43 -8.14
CA LYS B 65 -0.96 24.84 -7.80
C LYS B 65 -0.07 25.53 -8.79
N GLU B 66 1.04 24.88 -9.10
CA GLU B 66 1.96 25.38 -10.08
C GLU B 66 1.45 25.33 -11.54
N SER B 67 0.39 24.56 -11.80
CA SER B 67 -0.18 24.51 -13.17
C SER B 67 -0.75 25.87 -13.52
N GLY B 68 -1.35 26.49 -12.52
CA GLY B 68 -1.91 27.83 -12.66
C GLY B 68 -3.06 27.74 -13.64
N VAL B 69 -3.84 26.66 -13.54
CA VAL B 69 -5.23 26.74 -13.98
C VAL B 69 -6.16 26.62 -12.77
N ALA B 70 -7.28 27.34 -12.86
CA ALA B 70 -8.22 27.49 -11.77
C ALA B 70 -8.68 26.10 -11.30
N ARG B 71 -8.62 25.91 -9.99
CA ARG B 71 -8.98 24.66 -9.36
C ARG B 71 -10.30 24.11 -9.86
N GLU B 72 -11.32 24.96 -9.94
CA GLU B 72 -12.65 24.52 -10.36
C GLU B 72 -12.70 23.89 -11.77
N GLU B 73 -11.72 24.20 -12.62
CA GLU B 73 -11.65 23.64 -13.97
C GLU B 73 -11.04 22.25 -14.00
N LEU B 74 -10.50 21.83 -12.85
CA LEU B 74 -9.78 20.56 -12.79
C LEU B 74 -10.59 19.50 -12.12
N PHE B 75 -10.36 18.24 -12.51
CA PHE B 75 -11.08 17.13 -11.96
C PHE B 75 -10.06 16.17 -11.28
N ILE B 76 -9.98 16.27 -9.95
CA ILE B 76 -9.05 15.48 -9.11
C ILE B 76 -9.72 14.28 -8.42
N THR B 77 -9.16 13.08 -8.63
CA THR B 77 -9.64 11.85 -8.02
C THR B 77 -8.60 11.28 -7.08
N SER B 78 -8.99 10.93 -5.86
CA SER B 78 -8.14 10.05 -5.06
C SER B 78 -8.93 8.88 -4.52
N LYS B 79 -8.30 8.11 -3.61
CA LYS B 79 -8.86 6.77 -3.28
C LYS B 79 -8.53 6.42 -1.84
N VAL B 80 -9.48 5.79 -1.15
CA VAL B 80 -9.16 5.32 0.20
C VAL B 80 -8.44 3.96 0.16
N TRP B 81 -7.25 3.93 0.76
CA TRP B 81 -6.46 2.69 0.82
C TRP B 81 -7.08 1.61 1.71
N ASN B 82 -6.81 0.37 1.31
CA ASN B 82 -7.27 -0.85 1.90
C ASN B 82 -7.17 -0.88 3.43
N GLU B 83 -6.01 -0.52 3.95
CA GLU B 83 -5.78 -0.57 5.41
C GLU B 83 -6.59 0.49 6.19
N ASP B 84 -7.13 1.48 5.48
CA ASP B 84 -7.94 2.53 6.10
C ASP B 84 -9.44 2.28 6.05
N GLN B 85 -9.85 1.11 5.54
CA GLN B 85 -11.31 0.82 5.38
C GLN B 85 -12.00 0.66 6.74
N GLY B 86 -13.31 0.90 6.72
CA GLY B 86 -14.10 1.07 7.95
C GLY B 86 -14.64 2.48 7.98
N TYR B 87 -15.75 2.67 8.69
CA TYR B 87 -16.39 3.97 8.66
C TYR B 87 -15.51 5.10 9.16
N GLU B 88 -15.12 5.05 10.44
CA GLU B 88 -14.42 6.16 11.06
C GLU B 88 -13.04 6.33 10.41
N THR B 89 -12.32 5.23 10.13
CA THR B 89 -11.00 5.34 9.47
C THR B 89 -11.04 5.93 8.05
N THR B 90 -12.16 5.74 7.35
CA THR B 90 -12.31 6.32 5.99
C THR B 90 -12.45 7.83 6.03
N LEU B 91 -13.23 8.35 6.99
CA LEU B 91 -13.40 9.80 7.14
C LEU B 91 -12.05 10.47 7.41
N ALA B 92 -11.25 9.82 8.27
CA ALA B 92 -9.92 10.26 8.67
C ALA B 92 -8.98 10.25 7.46
N ALA B 93 -8.98 9.15 6.72
CA ALA B 93 -8.12 8.99 5.54
C ALA B 93 -8.45 10.01 4.47
N PHE B 94 -9.73 10.31 4.27
CA PHE B 94 -10.15 11.37 3.35
C PHE B 94 -9.60 12.75 3.72
N GLU B 95 -9.68 13.11 5.00
CA GLU B 95 -9.11 14.37 5.44
C GLU B 95 -7.60 14.45 5.21
N LYS B 96 -6.89 13.35 5.41
CA LYS B 96 -5.44 13.33 5.15
C LYS B 96 -5.17 13.52 3.66
N SER B 97 -5.97 12.93 2.78
CA SER B 97 -5.77 13.11 1.34
C SER B 97 -5.96 14.61 0.97
N LEU B 98 -6.99 15.24 1.53
CA LEU B 98 -7.23 16.67 1.29
C LEU B 98 -6.07 17.54 1.76
N GLU B 99 -5.53 17.23 2.95
CA GLU B 99 -4.42 18.00 3.51
C GLU B 99 -3.17 17.87 2.62
N ARG B 100 -2.84 16.65 2.26
CA ARG B 100 -1.71 16.36 1.37
C ARG B 100 -1.90 17.07 0.01
N LEU B 101 -3.09 16.91 -0.59
CA LEU B 101 -3.40 17.54 -1.90
C LEU B 101 -3.47 19.06 -1.85
N GLN B 102 -3.77 19.60 -0.66
CA GLN B 102 -4.02 21.05 -0.46
C GLN B 102 -5.34 21.47 -1.12
N LEU B 103 -6.34 20.62 -1.01
CA LEU B 103 -7.65 20.82 -1.63
C LEU B 103 -8.74 20.86 -0.55
N ASP B 104 -9.92 21.40 -0.92
CA ASP B 104 -11.00 21.61 0.06
C ASP B 104 -12.07 20.55 -0.15
N TYR B 105 -12.02 19.94 -1.34
CA TYR B 105 -12.96 18.96 -1.81
C TYR B 105 -12.30 18.12 -2.90
N LEU B 106 -12.76 16.90 -3.12
CA LEU B 106 -12.35 16.18 -4.29
C LEU B 106 -13.50 16.11 -5.32
N ASP B 107 -13.15 15.96 -6.60
CA ASP B 107 -14.18 15.74 -7.60
C ASP B 107 -14.68 14.31 -7.54
N LEU B 108 -13.78 13.35 -7.24
CA LEU B 108 -14.16 11.93 -7.13
C LEU B 108 -13.32 11.22 -6.08
N TYR B 109 -13.98 10.37 -5.28
CA TYR B 109 -13.26 9.61 -4.30
C TYR B 109 -13.72 8.18 -4.46
N LEU B 110 -12.75 7.28 -4.51
CA LEU B 110 -13.06 5.86 -4.72
C LEU B 110 -12.60 4.96 -3.59
N ILE B 111 -13.32 3.87 -3.40
CA ILE B 111 -12.84 2.75 -2.59
C ILE B 111 -11.83 2.00 -3.46
N HIS B 112 -10.58 1.92 -2.99
CA HIS B 112 -9.48 1.41 -3.83
C HIS B 112 -9.62 -0.06 -4.30
N TRP B 113 -10.00 -0.97 -3.37
CA TRP B 113 -10.25 -2.41 -3.57
C TRP B 113 -11.44 -2.83 -2.74
N PRO B 114 -12.17 -3.87 -3.21
CA PRO B 114 -13.25 -4.35 -2.34
C PRO B 114 -12.79 -5.13 -1.08
N GLY B 115 -11.78 -6.01 -1.21
CA GLY B 115 -11.38 -6.90 -0.12
C GLY B 115 -12.52 -7.82 0.31
N LYS B 116 -12.60 -8.11 1.61
CA LYS B 116 -13.59 -9.08 2.12
C LYS B 116 -14.90 -8.46 2.62
N ASP B 117 -14.80 -7.64 3.66
CA ASP B 117 -16.01 -7.32 4.43
C ASP B 117 -16.06 -5.97 5.13
N LYS B 118 -15.36 -4.98 4.58
CA LYS B 118 -15.39 -3.64 5.15
C LYS B 118 -15.86 -2.58 4.16
N TYR B 119 -16.08 -2.97 2.91
CA TYR B 119 -16.38 -1.94 1.89
C TYR B 119 -17.79 -1.28 2.01
N LYS B 120 -18.79 -1.99 2.56
CA LYS B 120 -20.08 -1.35 2.79
C LYS B 120 -20.00 -0.23 3.81
N ASP B 121 -19.27 -0.45 4.90
CA ASP B 121 -19.03 0.54 5.91
C ASP B 121 -18.23 1.70 5.37
N THR B 122 -17.21 1.36 4.58
CA THR B 122 -16.42 2.36 3.91
C THR B 122 -17.36 3.19 2.99
N TRP B 123 -18.23 2.51 2.27
CA TRP B 123 -19.18 3.24 1.39
C TRP B 123 -20.08 4.24 2.17
N ARG B 124 -20.46 3.91 3.40
CA ARG B 124 -21.28 4.82 4.23
C ARG B 124 -20.50 6.10 4.50
N ALA B 125 -19.18 5.98 4.74
CA ALA B 125 -18.35 7.16 4.96
C ALA B 125 -18.30 8.01 3.68
N LEU B 126 -18.13 7.35 2.54
CA LEU B 126 -18.17 8.04 1.24
C LEU B 126 -19.49 8.79 1.05
N GLU B 127 -20.61 8.12 1.36
CA GLU B 127 -21.94 8.77 1.23
C GLU B 127 -22.07 9.97 2.14
N LYS B 128 -21.59 9.85 3.39
CA LYS B 128 -21.60 10.98 4.31
C LYS B 128 -20.78 12.15 3.79
N LEU B 129 -19.54 11.89 3.37
CA LEU B 129 -18.67 12.95 2.82
C LEU B 129 -19.30 13.63 1.62
N TYR B 130 -19.93 12.83 0.78
CA TYR B 130 -20.72 13.34 -0.33
C TYR B 130 -21.82 14.32 0.15
N LYS B 131 -22.70 13.81 1.00
CA LYS B 131 -23.80 14.61 1.58
C LYS B 131 -23.27 15.89 2.23
N ASP B 132 -22.09 15.81 2.84
CA ASP B 132 -21.45 16.97 3.43
C ASP B 132 -20.84 17.99 2.44
N GLY B 133 -20.83 17.68 1.14
CA GLY B 133 -20.37 18.63 0.12
C GLY B 133 -18.87 18.56 -0.17
N LYS B 134 -18.23 17.57 0.44
CA LYS B 134 -16.78 17.41 0.39
C LYS B 134 -16.26 16.65 -0.81
N ILE B 135 -17.14 15.90 -1.48
CA ILE B 135 -16.75 15.16 -2.71
C ILE B 135 -17.89 15.33 -3.76
N ARG B 136 -17.54 15.72 -4.99
CA ARG B 136 -18.56 15.91 -6.06
C ARG B 136 -19.20 14.60 -6.60
N ALA B 137 -18.42 13.54 -6.55
CA ALA B 137 -18.84 12.22 -7.02
C ALA B 137 -18.14 11.13 -6.22
N ILE B 138 -18.77 9.97 -6.09
CA ILE B 138 -18.21 8.86 -5.34
C ILE B 138 -18.32 7.55 -6.08
N GLY B 139 -17.33 6.67 -5.90
CA GLY B 139 -17.33 5.45 -6.69
C GLY B 139 -16.38 4.42 -6.10
N VAL B 140 -16.04 3.45 -6.93
CA VAL B 140 -15.29 2.33 -6.45
C VAL B 140 -14.23 1.97 -7.50
N SER B 141 -13.33 1.09 -7.12
CA SER B 141 -12.22 0.68 -7.99
C SER B 141 -12.02 -0.79 -7.74
N ASN B 142 -11.86 -1.57 -8.81
CA ASN B 142 -11.57 -2.97 -8.79
C ASN B 142 -12.76 -3.78 -8.24
N PHE B 143 -13.99 -3.27 -8.45
CA PHE B 143 -15.19 -4.04 -8.01
C PHE B 143 -15.68 -4.96 -9.10
N GLN B 144 -16.00 -6.18 -8.73
CA GLN B 144 -16.57 -7.11 -9.68
C GLN B 144 -18.08 -6.91 -9.60
N VAL B 145 -18.80 -7.57 -10.52
CA VAL B 145 -20.29 -7.59 -10.50
C VAL B 145 -20.86 -7.96 -9.12
N HIS B 146 -20.45 -9.11 -8.56
CA HIS B 146 -20.98 -9.51 -7.25
C HIS B 146 -20.71 -8.45 -6.16
N HIS B 147 -19.57 -7.73 -6.23
CA HIS B 147 -19.26 -6.64 -5.29
C HIS B 147 -20.29 -5.51 -5.42
N LEU B 148 -20.56 -5.12 -6.66
CA LEU B 148 -21.51 -4.07 -6.96
C LEU B 148 -22.93 -4.41 -6.49
N GLU B 149 -23.34 -5.64 -6.76
CA GLU B 149 -24.66 -6.05 -6.35
C GLU B 149 -24.81 -6.10 -4.83
N GLU B 150 -23.77 -6.55 -4.13
CA GLU B 150 -23.72 -6.48 -2.66
C GLU B 150 -23.87 -5.06 -2.12
N LEU B 151 -23.08 -4.15 -2.68
CA LEU B 151 -23.05 -2.74 -2.31
C LEU B 151 -24.40 -2.09 -2.55
N LEU B 152 -25.03 -2.44 -3.67
CA LEU B 152 -26.27 -1.80 -4.06
C LEU B 152 -27.44 -2.16 -3.15
N LYS B 153 -27.36 -3.30 -2.47
CA LYS B 153 -28.39 -3.72 -1.51
C LYS B 153 -28.70 -2.65 -0.48
N ASP B 154 -27.66 -2.02 0.04
CA ASP B 154 -27.76 -1.15 1.19
C ASP B 154 -27.34 0.29 0.88
N ALA B 155 -26.92 0.54 -0.35
CA ALA B 155 -26.39 1.85 -0.68
C ALA B 155 -27.52 2.83 -0.73
N GLU B 156 -27.30 4.03 -0.22
CA GLU B 156 -28.22 5.13 -0.47
C GLU B 156 -27.92 5.77 -1.82
N ILE B 157 -26.63 6.01 -2.07
CA ILE B 157 -26.17 6.62 -3.30
C ILE B 157 -25.45 5.53 -4.10
N LYS B 158 -25.84 5.37 -5.36
CA LYS B 158 -25.22 4.37 -6.25
C LYS B 158 -23.81 4.83 -6.66
N PRO B 159 -22.81 3.90 -6.72
CA PRO B 159 -21.50 4.40 -7.13
C PRO B 159 -21.54 4.94 -8.55
N MET B 160 -20.74 5.96 -8.80
CA MET B 160 -20.85 6.68 -10.08
C MET B 160 -19.83 6.19 -11.12
N VAL B 161 -18.72 5.67 -10.61
CA VAL B 161 -17.57 5.27 -11.41
C VAL B 161 -17.12 3.93 -10.85
N ASN B 162 -16.68 3.02 -11.74
CA ASN B 162 -15.95 1.82 -11.29
C ASN B 162 -14.67 1.84 -12.12
N GLN B 163 -13.56 2.12 -11.43
CA GLN B 163 -12.25 2.23 -12.07
C GLN B 163 -11.57 0.87 -11.94
N VAL B 164 -11.32 0.25 -13.09
CA VAL B 164 -10.85 -1.15 -13.16
C VAL B 164 -9.68 -1.28 -14.16
N GLU B 165 -8.82 -2.27 -13.93
CA GLU B 165 -7.77 -2.49 -14.94
C GLU B 165 -8.50 -2.76 -16.26
N PHE B 166 -8.13 -2.11 -17.35
CA PHE B 166 -8.85 -2.38 -18.63
C PHE B 166 -7.98 -2.04 -19.83
N HIS B 167 -7.82 -3.00 -20.74
CA HIS B 167 -6.88 -2.88 -21.89
C HIS B 167 -7.12 -4.05 -22.79
N PRO B 168 -6.55 -4.07 -23.99
CA PRO B 168 -6.83 -5.22 -24.88
C PRO B 168 -6.59 -6.65 -24.34
N ARG B 169 -5.76 -6.83 -23.29
CA ARG B 169 -5.56 -8.20 -22.75
C ARG B 169 -6.54 -8.52 -21.63
N LEU B 170 -7.37 -7.56 -21.21
CA LEU B 170 -8.27 -7.71 -20.07
C LEU B 170 -9.49 -6.84 -20.46
N THR B 171 -10.37 -7.38 -21.31
CA THR B 171 -11.39 -6.53 -21.98
C THR B 171 -12.69 -6.31 -21.17
N GLN B 172 -12.77 -6.97 -19.99
CA GLN B 172 -13.84 -6.73 -19.00
C GLN B 172 -15.25 -6.74 -19.63
N LYS B 173 -15.51 -7.65 -20.59
CA LYS B 173 -16.79 -7.60 -21.29
C LYS B 173 -17.98 -7.56 -20.34
N GLU B 174 -18.13 -8.62 -19.52
CA GLU B 174 -19.23 -8.80 -18.57
C GLU B 174 -19.40 -7.64 -17.58
N LEU B 175 -18.30 -7.17 -17.03
CA LEU B 175 -18.31 -6.01 -16.16
C LEU B 175 -18.71 -4.73 -16.90
N ARG B 176 -18.24 -4.55 -18.13
CA ARG B 176 -18.67 -3.42 -18.96
C ARG B 176 -20.19 -3.40 -19.18
N ASP B 177 -20.74 -4.54 -19.55
CA ASP B 177 -22.16 -4.74 -19.79
C ASP B 177 -22.99 -4.48 -18.53
N TYR B 178 -22.48 -4.96 -17.39
CA TYR B 178 -23.22 -4.79 -16.16
C TYR B 178 -23.24 -3.31 -15.74
N CYS B 179 -22.07 -2.68 -15.72
CA CYS B 179 -21.93 -1.28 -15.33
C CYS B 179 -22.76 -0.36 -16.23
N LYS B 180 -22.70 -0.58 -17.54
CA LYS B 180 -23.50 0.20 -18.49
C LYS B 180 -24.97 0.11 -18.13
N GLY B 181 -25.48 -1.10 -17.88
CA GLY B 181 -26.87 -1.34 -17.46
C GLY B 181 -27.31 -0.62 -16.18
N GLN B 182 -26.33 -0.34 -15.32
CA GLN B 182 -26.55 0.27 -14.00
C GLN B 182 -26.33 1.77 -13.99
N GLY B 183 -25.80 2.32 -15.08
CA GLY B 183 -25.42 3.73 -15.10
C GLY B 183 -24.15 4.05 -14.35
N ILE B 184 -23.29 3.04 -14.16
CA ILE B 184 -22.03 3.22 -13.45
C ILE B 184 -20.93 3.35 -14.53
N GLN B 185 -20.20 4.46 -14.55
CA GLN B 185 -19.27 4.76 -15.61
C GLN B 185 -17.99 3.95 -15.38
N LEU B 186 -17.61 3.11 -16.35
CA LEU B 186 -16.35 2.39 -16.23
C LEU B 186 -15.20 3.34 -16.54
N GLU B 187 -14.12 3.14 -15.82
CA GLU B 187 -12.88 3.85 -16.06
C GLU B 187 -11.69 2.90 -16.04
N ALA B 188 -10.78 3.11 -16.99
CA ALA B 188 -9.62 2.25 -17.19
C ALA B 188 -8.35 2.69 -16.42
N TRP B 189 -8.02 1.87 -15.42
CA TRP B 189 -6.72 1.92 -14.79
C TRP B 189 -5.67 1.16 -15.63
N SER B 190 -4.44 1.69 -15.68
CA SER B 190 -3.35 1.09 -16.45
CA SER B 190 -3.35 1.10 -16.48
C SER B 190 -3.82 0.70 -17.89
N PRO B 191 -4.42 1.64 -18.61
CA PRO B 191 -5.01 1.40 -19.88
C PRO B 191 -3.99 1.00 -20.95
N LEU B 192 -2.71 1.31 -20.73
CA LEU B 192 -1.62 0.87 -21.67
C LEU B 192 -0.95 -0.42 -21.24
N MET B 193 -1.51 -1.04 -20.21
CA MET B 193 -1.01 -2.31 -19.68
C MET B 193 0.44 -2.15 -19.27
N GLN B 194 0.78 -0.95 -18.79
CA GLN B 194 2.15 -0.62 -18.37
C GLN B 194 3.19 -1.01 -19.42
N GLY B 195 2.87 -0.72 -20.68
CA GLY B 195 3.81 -0.93 -21.77
C GLY B 195 3.90 -2.32 -22.37
N GLN B 196 3.14 -3.26 -21.84
CA GLN B 196 3.23 -4.65 -22.26
C GLN B 196 2.67 -4.99 -23.63
N LEU B 197 2.02 -4.01 -24.25
CA LEU B 197 1.52 -4.21 -25.60
C LEU B 197 2.27 -3.41 -26.67
N LEU B 198 3.38 -2.79 -26.29
CA LEU B 198 4.08 -1.84 -27.14
C LEU B 198 4.47 -2.43 -28.52
N ASP B 199 4.80 -3.74 -28.52
CA ASP B 199 5.23 -4.46 -29.74
C ASP B 199 4.19 -5.45 -30.27
N ASN B 200 2.97 -5.41 -29.74
CA ASN B 200 1.94 -6.35 -30.17
C ASN B 200 1.68 -6.21 -31.68
N GLU B 201 1.68 -7.34 -32.39
CA GLU B 201 1.53 -7.32 -33.88
C GLU B 201 0.21 -6.72 -34.38
N VAL B 202 -0.90 -7.09 -33.72
CA VAL B 202 -2.23 -6.67 -34.15
C VAL B 202 -2.35 -5.16 -34.00
N LEU B 203 -1.94 -4.68 -32.83
CA LEU B 203 -1.97 -3.23 -32.56
C LEU B 203 -1.01 -2.45 -33.45
N THR B 204 0.19 -2.97 -33.68
CA THR B 204 1.18 -2.29 -34.55
C THR B 204 0.68 -2.08 -35.98
N GLN B 205 0.01 -3.09 -36.52
CA GLN B 205 -0.54 -3.01 -37.88
C GLN B 205 -1.64 -1.93 -37.98
N ILE B 206 -2.49 -1.88 -36.96
CA ILE B 206 -3.53 -0.86 -36.83
C ILE B 206 -2.87 0.54 -36.69
N ALA B 207 -1.87 0.66 -35.80
CA ALA B 207 -1.12 1.91 -35.64
C ALA B 207 -0.49 2.42 -36.97
N GLU B 208 0.25 1.54 -37.65
CA GLU B 208 0.80 1.85 -38.99
C GLU B 208 -0.27 2.43 -39.92
N LYS B 209 -1.38 1.72 -40.06
CA LYS B 209 -2.46 2.17 -40.94
C LYS B 209 -2.87 3.63 -40.65
N HIS B 210 -3.13 3.94 -39.39
CA HIS B 210 -3.50 5.28 -38.94
C HIS B 210 -2.38 6.27 -38.74
N ASN B 211 -1.12 5.86 -38.94
CA ASN B 211 0.01 6.74 -38.67
C ASN B 211 -0.01 7.22 -37.19
N LYS B 212 -0.26 6.31 -36.29
CA LYS B 212 -0.34 6.64 -34.87
C LYS B 212 0.56 5.67 -34.12
N SER B 213 0.77 5.93 -32.82
CA SER B 213 1.49 4.97 -31.98
C SER B 213 0.58 3.91 -31.47
N VAL B 214 1.19 2.88 -30.92
CA VAL B 214 0.39 1.84 -30.34
C VAL B 214 -0.42 2.40 -29.15
N ALA B 215 0.19 3.29 -28.35
CA ALA B 215 -0.48 3.90 -27.16
C ALA B 215 -1.71 4.65 -27.64
N GLN B 216 -1.53 5.39 -28.73
CA GLN B 216 -2.62 6.17 -29.34
C GLN B 216 -3.80 5.32 -29.75
N VAL B 217 -3.50 4.21 -30.43
CA VAL B 217 -4.52 3.19 -30.78
C VAL B 217 -5.28 2.65 -29.56
N ILE B 218 -4.58 2.18 -28.54
CA ILE B 218 -5.22 1.70 -27.31
C ILE B 218 -6.13 2.74 -26.69
N LEU B 219 -5.64 3.97 -26.61
CA LEU B 219 -6.41 5.01 -25.97
C LEU B 219 -7.66 5.44 -26.77
N ARG B 220 -7.52 5.49 -28.09
CA ARG B 220 -8.70 5.69 -28.93
C ARG B 220 -9.69 4.53 -28.75
N TRP B 221 -9.17 3.32 -28.64
CA TRP B 221 -9.99 2.14 -28.41
C TRP B 221 -10.82 2.24 -27.10
N ASP B 222 -10.14 2.67 -26.04
CA ASP B 222 -10.84 3.03 -24.76
C ASP B 222 -12.03 3.97 -25.03
N LEU B 223 -11.75 5.07 -25.74
CA LEU B 223 -12.79 6.08 -25.95
C LEU B 223 -13.95 5.60 -26.78
N GLN B 224 -13.67 4.76 -27.78
CA GLN B 224 -14.70 4.27 -28.67
C GLN B 224 -15.53 3.17 -28.01
N HIS B 225 -14.97 2.54 -26.98
CA HIS B 225 -15.76 1.73 -26.03
C HIS B 225 -16.45 2.51 -24.92
N GLY B 226 -16.27 3.83 -24.87
CA GLY B 226 -16.99 4.63 -23.90
C GLY B 226 -16.48 4.36 -22.48
N VAL B 227 -15.16 4.09 -22.39
CA VAL B 227 -14.50 3.87 -21.12
C VAL B 227 -13.58 5.08 -20.87
N VAL B 228 -13.75 5.78 -19.76
CA VAL B 228 -12.91 6.97 -19.37
C VAL B 228 -11.50 6.43 -19.13
N THR B 229 -10.46 7.20 -19.48
CA THR B 229 -9.10 6.62 -19.48
C THR B 229 -8.05 7.55 -18.89
N ILE B 230 -7.13 6.98 -18.09
CA ILE B 230 -6.14 7.79 -17.33
C ILE B 230 -4.77 7.11 -17.50
N PRO B 231 -4.20 7.22 -18.71
CA PRO B 231 -2.87 6.66 -18.95
C PRO B 231 -1.81 7.35 -18.13
N LYS B 232 -0.86 6.54 -17.67
CA LYS B 232 0.30 7.11 -16.97
C LYS B 232 1.41 7.54 -17.94
N SER B 233 1.94 8.75 -17.80
CA SER B 233 3.10 9.09 -18.55
C SER B 233 3.87 10.13 -17.78
N ILE B 234 5.19 9.99 -17.81
CA ILE B 234 6.04 10.87 -17.05
C ILE B 234 6.63 11.99 -17.92
N LYS B 235 7.13 11.69 -19.11
CA LYS B 235 7.81 12.69 -19.92
C LYS B 235 6.75 13.47 -20.64
N GLU B 236 6.95 14.78 -20.71
CA GLU B 236 6.01 15.67 -21.35
C GLU B 236 5.65 15.29 -22.80
N HIS B 237 6.62 14.74 -23.55
CA HIS B 237 6.45 14.48 -24.98
C HIS B 237 5.45 13.33 -25.11
N ARG B 238 5.52 12.45 -24.14
CA ARG B 238 4.66 11.28 -24.14
C ARG B 238 3.27 11.65 -23.61
N ILE B 239 3.22 12.47 -22.57
CA ILE B 239 1.94 13.06 -22.10
C ILE B 239 1.15 13.73 -23.29
N ILE B 240 1.84 14.51 -24.10
CA ILE B 240 1.25 15.13 -25.30
C ILE B 240 0.82 14.14 -26.38
N GLU B 241 1.72 13.22 -26.74
CA GLU B 241 1.45 12.20 -27.77
C GLU B 241 0.25 11.33 -27.38
N ASN B 242 0.21 10.89 -26.12
CA ASN B 242 -0.90 10.05 -25.70
C ASN B 242 -2.27 10.73 -25.90
N ALA B 243 -2.34 12.04 -25.81
CA ALA B 243 -3.62 12.78 -25.87
C ALA B 243 -3.98 13.13 -27.29
N ASP B 244 -3.08 12.85 -28.22
CA ASP B 244 -3.25 13.39 -29.58
C ASP B 244 -4.00 12.30 -30.32
N ILE B 245 -5.26 12.13 -29.93
CA ILE B 245 -6.04 10.98 -30.41
C ILE B 245 -7.42 11.42 -30.98
N PHE B 246 -7.56 12.69 -31.29
CA PHE B 246 -8.87 13.28 -31.63
C PHE B 246 -8.99 13.57 -33.11
N ASP B 247 -8.03 13.04 -33.87
CA ASP B 247 -7.97 13.28 -35.31
C ASP B 247 -7.90 12.01 -36.16
N PHE B 248 -8.29 10.89 -35.56
CA PHE B 248 -8.49 9.65 -36.27
C PHE B 248 -9.51 8.83 -35.55
N GLU B 249 -10.01 7.81 -36.23
CA GLU B 249 -10.92 6.84 -35.62
C GLU B 249 -10.58 5.45 -36.07
N LEU B 250 -10.83 4.49 -35.19
CA LEU B 250 -10.73 3.07 -35.47
C LEU B 250 -12.06 2.55 -36.09
N SER B 251 -11.94 1.78 -37.18
CA SER B 251 -13.11 1.11 -37.80
C SER B 251 -13.67 0.04 -36.87
N GLN B 252 -14.84 -0.50 -37.23
CA GLN B 252 -15.40 -1.70 -36.56
C GLN B 252 -14.42 -2.85 -36.63
N GLU B 253 -13.84 -3.07 -37.80
CA GLU B 253 -12.76 -4.04 -37.96
C GLU B 253 -11.60 -3.88 -36.99
N ASP B 254 -11.02 -2.68 -36.92
CA ASP B 254 -9.98 -2.37 -35.94
C ASP B 254 -10.43 -2.71 -34.50
N MET B 255 -11.67 -2.35 -34.15
CA MET B 255 -12.16 -2.50 -32.80
C MET B 255 -12.27 -3.98 -32.42
N ASP B 256 -12.81 -4.73 -33.36
CA ASP B 256 -13.02 -6.17 -33.17
C ASP B 256 -11.70 -6.91 -33.09
N LYS B 257 -10.76 -6.51 -33.94
CA LYS B 257 -9.40 -7.04 -33.89
C LYS B 257 -8.73 -6.82 -32.52
N ILE B 258 -8.87 -5.60 -31.97
CA ILE B 258 -8.32 -5.30 -30.66
C ILE B 258 -8.99 -6.14 -29.56
N ASP B 259 -10.30 -6.20 -29.57
CA ASP B 259 -11.04 -6.99 -28.56
C ASP B 259 -10.58 -8.45 -28.48
N ALA B 260 -10.26 -9.04 -29.62
CA ALA B 260 -9.87 -10.47 -29.76
C ALA B 260 -8.51 -10.80 -29.14
N LEU B 261 -7.82 -9.75 -28.72
CA LEU B 261 -6.57 -9.91 -27.98
C LEU B 261 -6.79 -10.28 -26.51
N ASN B 262 -8.03 -10.24 -26.06
CA ASN B 262 -8.32 -10.57 -24.67
C ASN B 262 -7.72 -11.89 -24.21
N LYS B 263 -7.07 -11.85 -23.04
CA LYS B 263 -6.49 -13.04 -22.43
C LYS B 263 -6.87 -13.13 -20.95
N ASP B 264 -7.85 -12.32 -20.53
CA ASP B 264 -8.08 -12.00 -19.11
C ASP B 264 -6.79 -11.92 -18.30
N GLU B 265 -5.86 -11.06 -18.72
CA GLU B 265 -4.52 -11.09 -18.21
C GLU B 265 -4.28 -9.77 -17.51
N ARG B 266 -3.95 -9.86 -16.23
CA ARG B 266 -3.85 -8.69 -15.37
C ARG B 266 -2.41 -8.33 -15.07
N VAL B 267 -2.13 -7.03 -15.08
CA VAL B 267 -0.86 -6.58 -14.53
C VAL B 267 -1.01 -6.19 -13.08
N GLY B 268 -2.24 -5.92 -12.62
CA GLY B 268 -2.54 -5.71 -11.19
C GLY B 268 -3.23 -6.88 -10.53
N PRO B 269 -3.44 -6.80 -9.21
CA PRO B 269 -4.10 -7.86 -8.46
C PRO B 269 -5.49 -8.18 -9.01
N ASN B 270 -5.95 -9.40 -8.78
CA ASN B 270 -7.33 -9.73 -9.03
C ASN B 270 -8.12 -9.34 -7.75
N PRO B 271 -9.17 -8.51 -7.87
CA PRO B 271 -9.84 -8.07 -6.64
C PRO B 271 -10.52 -9.22 -5.84
N ASP B 272 -10.82 -10.36 -6.49
CA ASP B 272 -11.33 -11.57 -5.80
C ASP B 272 -10.29 -12.33 -5.01
N GLU B 273 -9.02 -12.05 -5.30
CA GLU B 273 -7.86 -12.66 -4.65
C GLU B 273 -7.20 -11.79 -3.58
N LEU B 274 -7.25 -10.49 -3.76
CA LEU B 274 -6.59 -9.59 -2.82
C LEU B 274 -7.49 -9.32 -1.60
N LEU B 275 -7.50 -10.28 -0.68
CA LEU B 275 -8.43 -10.24 0.45
C LEU B 275 -7.75 -9.78 1.71
N PHE B 276 -8.13 -8.58 2.10
CA PHE B 276 -7.84 -7.96 3.37
C PHE B 276 -9.21 -7.71 4.07
#